data_5MLS
#
_entry.id   5MLS
#
_cell.length_a   70.417
_cell.length_b   71.597
_cell.length_c   73.069
_cell.angle_alpha   90.00
_cell.angle_beta   100.58
_cell.angle_gamma   90.00
#
_symmetry.space_group_name_H-M   'C 1 2 1'
#
loop_
_entity.id
_entity.type
_entity.pdbx_description
1 polymer 'Thrombin light chain'
2 polymer 'Thrombin heavy chain'
3 polymer 'Hirudin variant-2'
4 non-polymer D-phenylalanyl-N-(3-chlorobenzyl)-L-prolinamide
5 non-polymer 'DIMETHYL SULFOXIDE'
6 non-polymer 'PHOSPHATE ION'
7 non-polymer GLYCEROL
8 non-polymer 'SODIUM ION'
9 water water
#
loop_
_entity_poly.entity_id
_entity_poly.type
_entity_poly.pdbx_seq_one_letter_code
_entity_poly.pdbx_strand_id
1 'polypeptide(L)' TFGSGEADCGLRPLFEKKSLEDKTERELLESYIDGR L
2 'polypeptide(L)'
;IVEGSDAEIGMSPWQVMLFRKSPQELLCGASLISDRWVLTAAHCLLYPPWDKNFTENDLLVRIGKHSRTRYERNIEKISM
LEKIYIHPRYNWRENLDRDIALMKLKKPVAFSDYIHPVCLPDRETAASLLQAGYKGRVTGWGNLKETWTANVGKGQPSVL
QVVNLPIVERPVCKDSTRIRITDNMFCAGYKPDEGKRGDSCEGDSGGPFVMKSPFNNRWYQMGIVSWGEGCDRDGKYGFY
THVFRLKKWIQKVIDQFGE
;
H
3 'polypeptide(L)' GDFEEIPEE(TYS)LQ D
#
# COMPACT_ATOMS: atom_id res chain seq x y z
N GLU A 6 17.14 -0.50 1.37
CA GLU A 6 18.15 0.59 1.25
C GLU A 6 18.51 1.14 2.63
N ALA A 7 19.66 1.81 2.67
CA ALA A 7 20.20 2.28 3.94
C ALA A 7 19.43 3.47 4.49
N ASP A 8 18.87 4.31 3.62
N ASP A 8 18.86 4.30 3.59
CA ASP A 8 18.02 5.41 4.05
CA ASP A 8 18.03 5.43 3.96
C ASP A 8 16.57 5.13 3.67
C ASP A 8 16.54 5.13 3.79
N CYS A 9 16.15 3.85 3.73
CA CYS A 9 14.74 3.56 3.54
C CYS A 9 13.93 4.27 4.62
N GLY A 10 12.68 4.60 4.28
CA GLY A 10 11.73 5.06 5.26
C GLY A 10 11.95 6.46 5.80
N LEU A 11 12.90 7.21 5.24
CA LEU A 11 13.20 8.59 5.63
C LEU A 11 12.83 9.48 4.44
N ARG A 12 11.76 10.25 4.60
CA ARG A 12 11.21 10.99 3.46
C ARG A 12 11.99 12.27 3.19
N PRO A 13 12.35 12.52 1.92
CA PRO A 13 13.11 13.76 1.61
C PRO A 13 12.45 15.02 2.12
N LEU A 14 11.14 15.13 2.06
CA LEU A 14 10.49 16.38 2.41
C LEU A 14 10.00 16.43 3.85
N PHE A 15 10.30 15.39 4.65
CA PHE A 15 9.87 15.37 6.04
C PHE A 15 11.04 14.98 6.92
N GLU A 16 11.31 13.68 7.12
CA GLU A 16 12.35 13.28 8.08
C GLU A 16 13.70 13.87 7.71
N LYS A 17 14.03 13.91 6.42
CA LYS A 17 15.36 14.40 6.02
C LYS A 17 15.54 15.87 6.29
N LYS A 18 14.46 16.63 6.42
N LYS A 18 14.45 16.63 6.43
CA LYS A 18 14.51 18.05 6.77
CA LYS A 18 14.51 18.05 6.77
C LYS A 18 14.08 18.31 8.21
C LYS A 18 14.05 18.32 8.20
N SER A 19 13.83 17.28 9.00
CA SER A 19 13.22 17.40 10.32
C SER A 19 11.93 18.23 10.28
N LEU A 20 11.08 17.92 9.31
CA LEU A 20 9.72 18.44 9.25
C LEU A 20 8.75 17.29 9.46
N GLU A 21 7.71 17.56 10.23
N GLU A 21 7.66 17.63 10.12
CA GLU A 21 6.66 16.58 10.47
CA GLU A 21 6.61 16.68 10.54
C GLU A 21 5.49 16.83 9.54
C GLU A 21 5.38 16.87 9.66
N ASP A 22 4.79 15.75 9.19
CA ASP A 22 3.55 15.89 8.44
C ASP A 22 2.38 16.12 9.41
N LYS A 23 1.20 16.45 8.87
CA LYS A 23 0.15 17.00 9.70
C LYS A 23 -0.52 15.99 10.63
N THR A 24 -0.36 14.69 10.40
CA THR A 24 -1.04 13.71 11.24
C THR A 24 -0.15 12.61 11.79
N GLU A 25 1.17 12.65 11.56
CA GLU A 25 1.98 11.54 12.07
C GLU A 25 1.95 11.47 13.60
N ARG A 26 1.72 12.59 14.27
CA ARG A 26 1.68 12.59 15.73
C ARG A 26 0.55 11.70 16.23
N GLU A 27 -0.56 11.58 15.47
CA GLU A 27 -1.64 10.67 15.84
C GLU A 27 -1.14 9.24 15.94
N LEU A 28 -0.24 8.84 15.04
CA LEU A 28 0.33 7.49 15.12
C LEU A 28 1.20 7.35 16.36
N LEU A 29 2.09 8.31 16.60
CA LEU A 29 2.97 8.23 17.76
C LEU A 29 2.18 8.13 19.06
N GLU A 30 1.11 8.93 19.18
CA GLU A 30 0.31 8.93 20.39
C GLU A 30 -0.36 7.60 20.64
N SER A 31 -0.56 6.79 19.60
CA SER A 31 -1.15 5.46 19.76
C SER A 31 -0.14 4.40 20.19
N TYR A 32 1.16 4.71 20.16
CA TYR A 32 2.19 3.70 20.43
C TYR A 32 2.53 3.74 21.91
N ILE A 33 1.74 3.01 22.69
CA ILE A 33 1.67 3.14 24.15
C ILE A 33 2.16 1.89 24.83
N ILE B 1 -9.92 5.39 -0.87
CA ILE B 1 -9.88 5.58 0.57
C ILE B 1 -11.16 6.30 1.02
N VAL B 2 -11.85 5.75 2.03
CA VAL B 2 -13.08 6.34 2.57
C VAL B 2 -12.77 7.13 3.84
N GLU B 3 -13.25 8.36 3.93
CA GLU B 3 -13.13 9.23 5.11
C GLU B 3 -11.66 9.54 5.43
N GLY B 4 -10.81 9.61 4.41
CA GLY B 4 -9.47 10.11 4.53
C GLY B 4 -9.37 11.57 4.16
N SER B 5 -8.15 12.00 3.82
N SER B 5 -8.14 11.99 3.84
CA SER B 5 -7.91 13.37 3.38
CA SER B 5 -7.85 13.38 3.46
C SER B 5 -6.84 13.39 2.30
C SER B 5 -6.83 13.39 2.31
N ASP B 6 -6.71 14.54 1.66
CA ASP B 6 -5.68 14.73 0.64
C ASP B 6 -4.30 14.57 1.25
N ALA B 7 -3.44 13.84 0.56
CA ALA B 7 -2.06 13.70 1.03
C ALA B 7 -1.30 15.02 0.86
N GLU B 8 -0.30 15.23 1.70
CA GLU B 8 0.64 16.30 1.50
C GLU B 8 1.64 15.89 0.43
N ILE B 9 2.25 16.90 -0.22
CA ILE B 9 3.26 16.60 -1.24
C ILE B 9 4.43 15.87 -0.59
N GLY B 10 4.85 14.76 -1.20
CA GLY B 10 5.93 13.97 -0.68
C GLY B 10 5.63 13.19 0.58
N MET B 11 4.35 13.07 0.97
CA MET B 11 4.01 12.39 2.22
C MET B 11 4.24 10.90 2.14
N SER B 12 4.09 10.30 0.96
CA SER B 12 4.15 8.86 0.77
C SER B 12 4.97 8.59 -0.47
N PRO B 13 6.28 8.87 -0.42
CA PRO B 13 7.09 8.85 -1.64
C PRO B 13 7.40 7.46 -2.14
N TRP B 14 7.01 6.43 -1.38
CA TRP B 14 7.04 5.05 -1.82
C TRP B 14 5.77 4.61 -2.52
N GLN B 15 4.74 5.46 -2.58
CA GLN B 15 3.48 5.07 -3.22
C GLN B 15 3.66 4.85 -4.72
N VAL B 16 3.08 3.75 -5.22
CA VAL B 16 3.17 3.38 -6.61
C VAL B 16 1.75 3.16 -7.14
N MET B 17 1.50 3.60 -8.37
CA MET B 17 0.27 3.30 -9.10
C MET B 17 0.55 2.25 -10.16
N LEU B 18 -0.23 1.18 -10.12
CA LEU B 18 -0.22 0.15 -11.15
C LEU B 18 -1.21 0.59 -12.20
N PHE B 19 -0.74 0.70 -13.44
CA PHE B 19 -1.49 1.33 -14.52
C PHE B 19 -1.58 0.38 -15.71
N ARG B 20 -2.79 0.20 -16.22
CA ARG B 20 -3.02 -0.65 -17.38
C ARG B 20 -2.68 0.13 -18.65
N LYS B 21 -1.96 -0.52 -19.58
CA LYS B 21 -1.56 0.14 -20.83
C LYS B 21 -2.75 0.40 -21.74
N SER B 22 -3.64 -0.59 -21.90
CA SER B 22 -4.75 -0.45 -22.84
C SER B 22 -5.93 -1.30 -22.39
N PRO B 23 -7.04 -0.66 -22.01
CA PRO B 23 -7.28 0.78 -21.90
C PRO B 23 -6.41 1.40 -20.81
N GLN B 24 -6.11 2.69 -20.92
CA GLN B 24 -5.29 3.37 -19.91
C GLN B 24 -6.14 3.63 -18.68
N GLU B 25 -5.86 2.90 -17.58
CA GLU B 25 -6.65 3.07 -16.38
C GLU B 25 -5.85 2.62 -15.16
N LEU B 26 -6.24 3.15 -14.01
CA LEU B 26 -5.66 2.68 -12.75
C LEU B 26 -6.09 1.24 -12.50
N LEU B 27 -5.14 0.40 -12.09
CA LEU B 27 -5.45 -0.95 -11.67
C LEU B 27 -5.34 -1.20 -10.17
N CYS B 28 -4.41 -0.56 -9.50
CA CYS B 28 -4.11 -0.92 -8.11
C CYS B 28 -3.12 0.08 -7.57
N GLY B 29 -2.91 0.00 -6.26
CA GLY B 29 -1.74 0.61 -5.62
C GLY B 29 -0.62 -0.40 -5.48
N ALA B 30 0.50 0.10 -4.97
CA ALA B 30 1.73 -0.69 -4.81
C ALA B 30 2.72 0.19 -4.05
N SER B 31 3.90 -0.35 -3.75
CA SER B 31 4.90 0.40 -3.00
C SER B 31 6.30 0.10 -3.51
N LEU B 32 7.17 1.11 -3.36
CA LEU B 32 8.57 1.04 -3.80
C LEU B 32 9.43 0.59 -2.64
N ILE B 33 10.12 -0.54 -2.78
CA ILE B 33 10.95 -1.04 -1.68
C ILE B 33 12.44 -1.02 -2.00
N SER B 34 12.84 -0.68 -3.22
CA SER B 34 14.24 -0.49 -3.58
C SER B 34 14.22 0.24 -4.91
N ASP B 35 15.41 0.50 -5.49
CA ASP B 35 15.37 1.15 -6.79
C ASP B 35 14.87 0.25 -7.92
N ARG B 36 14.65 -1.06 -7.69
CA ARG B 36 14.12 -1.86 -8.78
C ARG B 36 12.99 -2.80 -8.38
N TRP B 37 12.52 -2.77 -7.15
CA TRP B 37 11.49 -3.72 -6.73
C TRP B 37 10.25 -2.99 -6.20
N VAL B 38 9.08 -3.44 -6.64
CA VAL B 38 7.79 -2.91 -6.22
C VAL B 38 6.97 -4.04 -5.63
N LEU B 39 6.30 -3.75 -4.50
CA LEU B 39 5.50 -4.71 -3.76
C LEU B 39 4.02 -4.39 -3.97
N THR B 40 3.19 -5.43 -4.13
CA THR B 40 1.75 -5.22 -4.30
C THR B 40 1.00 -6.46 -3.80
N ALA B 41 -0.32 -6.45 -3.97
CA ALA B 41 -1.13 -7.61 -3.65
C ALA B 41 -1.21 -8.53 -4.86
N ALA B 42 -1.20 -9.84 -4.58
CA ALA B 42 -1.33 -10.80 -5.67
C ALA B 42 -2.65 -10.64 -6.43
N HIS B 43 -3.74 -10.31 -5.74
CA HIS B 43 -5.02 -10.21 -6.43
C HIS B 43 -5.08 -9.03 -7.39
N CYS B 44 -4.10 -8.12 -7.34
CA CYS B 44 -3.96 -7.08 -8.34
C CYS B 44 -3.52 -7.64 -9.68
N LEU B 45 -2.89 -8.81 -9.68
CA LEU B 45 -2.35 -9.38 -10.90
C LEU B 45 -3.06 -10.66 -11.32
N LEU B 46 -3.54 -11.43 -10.35
CA LEU B 46 -4.13 -12.73 -10.62
C LEU B 46 -5.36 -12.90 -9.76
N TYR B 47 -6.53 -13.04 -10.39
CA TYR B 47 -7.74 -13.32 -9.64
C TYR B 47 -8.75 -13.96 -10.60
N PRO B 48 -8.69 -15.28 -10.75
CA PRO B 48 -9.48 -15.98 -11.77
C PRO B 48 -10.99 -15.78 -11.63
N PRO B 49 -11.54 -15.61 -10.43
CA PRO B 49 -13.01 -15.42 -10.36
C PRO B 49 -13.47 -14.22 -11.19
N TRP B 50 -12.61 -13.24 -11.42
CA TRP B 50 -12.93 -12.06 -12.21
C TRP B 50 -12.21 -12.06 -13.56
N ASP B 51 -11.67 -13.21 -13.98
CA ASP B 51 -10.96 -13.34 -15.23
C ASP B 51 -9.76 -12.40 -15.30
N LYS B 52 -9.12 -12.15 -14.15
CA LYS B 52 -7.97 -11.27 -14.06
C LYS B 52 -6.70 -12.11 -14.10
N ASN B 53 -5.86 -11.87 -15.10
CA ASN B 53 -4.55 -12.52 -15.18
C ASN B 53 -3.59 -11.64 -15.96
N PHE B 54 -3.00 -10.65 -15.31
CA PHE B 54 -2.15 -9.70 -16.02
C PHE B 54 -0.75 -10.25 -16.19
N THR B 55 -0.16 -9.99 -17.35
CA THR B 55 1.23 -10.28 -17.62
C THR B 55 2.02 -8.96 -17.62
N GLU B 56 3.34 -9.10 -17.58
CA GLU B 56 4.24 -7.96 -17.50
C GLU B 56 3.90 -6.89 -18.53
N ASN B 57 3.71 -7.28 -19.80
CA ASN B 57 3.60 -6.29 -20.87
C ASN B 57 2.25 -5.58 -20.87
N ASP B 58 1.32 -6.06 -20.03
CA ASP B 58 0.05 -5.40 -19.86
C ASP B 58 0.15 -4.13 -19.04
N LEU B 59 1.24 -3.94 -18.31
CA LEU B 59 1.26 -3.10 -17.12
C LEU B 59 2.38 -2.08 -17.17
N LEU B 60 2.12 -0.95 -16.52
CA LEU B 60 3.16 0.02 -16.16
C LEU B 60 3.04 0.34 -14.67
N VAL B 61 4.13 0.86 -14.09
CA VAL B 61 4.07 1.45 -12.76
C VAL B 61 4.44 2.91 -12.87
N ARG B 62 3.76 3.74 -12.08
CA ARG B 62 3.93 5.19 -12.09
C ARG B 62 4.29 5.57 -10.67
N ILE B 63 5.44 6.22 -10.52
CA ILE B 63 6.06 6.46 -9.23
C ILE B 63 6.24 7.96 -9.07
N GLY B 64 6.08 8.44 -7.84
CA GLY B 64 6.16 9.85 -7.56
C GLY B 64 4.88 10.64 -7.77
N LYS B 65 3.72 9.97 -7.90
CA LYS B 65 2.52 10.69 -8.24
C LYS B 65 1.81 11.29 -7.02
N HIS B 66 0.99 12.29 -7.30
CA HIS B 66 0.05 12.91 -6.37
C HIS B 66 -1.33 12.90 -7.03
N SER B 67 -1.49 13.64 -8.12
CA SER B 67 -2.75 13.65 -8.84
C SER B 67 -3.12 12.25 -9.34
N ARG B 68 -4.40 11.89 -9.23
CA ARG B 68 -4.85 10.59 -9.74
C ARG B 68 -4.73 10.51 -11.26
N THR B 69 -5.25 11.53 -11.98
CA THR B 69 -5.47 11.39 -13.42
C THR B 69 -4.49 12.16 -14.28
N ARG B 70 -3.83 13.18 -13.74
N ARG B 70 -3.82 13.16 -13.73
CA ARG B 70 -2.92 14.02 -14.52
CA ARG B 70 -2.94 14.00 -14.53
C ARG B 70 -1.63 13.27 -14.79
C ARG B 70 -1.60 13.32 -14.76
N TYR B 71 -1.00 13.60 -15.91
CA TYR B 71 0.38 13.18 -16.18
C TYR B 71 1.28 14.26 -15.57
N GLU B 72 2.03 13.88 -14.53
CA GLU B 72 2.74 14.84 -13.70
C GLU B 72 4.16 15.00 -14.24
N ARG B 73 4.23 15.77 -15.34
CA ARG B 73 5.47 16.00 -16.06
C ARG B 73 6.53 16.56 -15.13
N ASN B 74 7.76 16.03 -15.27
CA ASN B 74 8.95 16.39 -14.51
C ASN B 74 8.92 15.91 -13.05
N ILE B 75 7.93 15.10 -12.68
CA ILE B 75 7.77 14.69 -11.28
C ILE B 75 7.64 13.17 -11.24
N GLU B 76 6.60 12.63 -11.86
CA GLU B 76 6.44 11.20 -11.85
C GLU B 76 7.41 10.55 -12.83
N LYS B 77 7.68 9.28 -12.57
CA LYS B 77 8.48 8.42 -13.41
C LYS B 77 7.68 7.18 -13.72
N ILE B 78 7.72 6.76 -14.99
CA ILE B 78 6.92 5.65 -15.47
C ILE B 78 7.87 4.54 -15.89
N SER B 79 7.67 3.33 -15.35
CA SER B 79 8.61 2.22 -15.48
C SER B 79 7.88 1.01 -16.04
N MET B 80 8.60 0.26 -16.88
CA MET B 80 8.11 -0.99 -17.44
C MET B 80 8.53 -2.15 -16.54
N LEU B 81 7.77 -3.25 -16.63
CA LEU B 81 8.02 -4.40 -15.77
C LEU B 81 8.89 -5.42 -16.48
N GLU B 82 9.91 -5.89 -15.78
CA GLU B 82 10.69 -7.02 -16.24
C GLU B 82 10.02 -8.34 -15.91
N LYS B 83 9.59 -8.51 -14.66
CA LYS B 83 9.04 -9.80 -14.24
C LYS B 83 8.10 -9.63 -13.05
N ILE B 84 7.03 -10.43 -13.04
CA ILE B 84 6.10 -10.55 -11.92
C ILE B 84 6.38 -11.84 -11.17
N TYR B 85 6.31 -11.78 -9.82
CA TYR B 85 6.42 -12.95 -8.95
C TYR B 85 5.26 -12.95 -7.97
N ILE B 86 4.43 -13.98 -8.04
CA ILE B 86 3.30 -14.15 -7.12
C ILE B 86 3.63 -15.25 -6.11
N HIS B 87 3.22 -15.04 -4.87
CA HIS B 87 3.48 -16.06 -3.84
C HIS B 87 2.96 -17.43 -4.30
N PRO B 88 3.77 -18.50 -4.20
CA PRO B 88 3.32 -19.81 -4.71
C PRO B 88 2.15 -20.39 -3.96
N ARG B 89 1.87 -19.93 -2.73
CA ARG B 89 0.73 -20.42 -1.96
C ARG B 89 -0.34 -19.33 -1.79
N TYR B 90 -0.33 -18.30 -2.63
CA TYR B 90 -1.47 -17.39 -2.73
C TYR B 90 -2.79 -18.16 -2.94
N ASN B 91 -3.75 -17.94 -2.03
CA ASN B 91 -5.04 -18.64 -2.03
C ASN B 91 -6.12 -17.70 -2.60
N TRP B 92 -6.19 -17.64 -3.92
CA TRP B 92 -7.27 -16.90 -4.58
C TRP B 92 -8.60 -17.65 -4.55
N ARG B 93 -8.58 -18.94 -4.27
CA ARG B 93 -9.82 -19.73 -4.30
C ARG B 93 -10.70 -19.45 -3.08
N GLU B 94 -10.12 -19.20 -1.91
CA GLU B 94 -10.89 -19.13 -0.66
C GLU B 94 -10.90 -17.74 -0.04
N ASN B 95 -9.76 -17.26 0.52
CA ASN B 95 -9.76 -16.11 1.43
C ASN B 95 -8.61 -15.14 1.17
N LEU B 96 -7.93 -15.22 0.04
CA LEU B 96 -6.79 -14.35 -0.29
C LEU B 96 -5.65 -14.53 0.71
N ASP B 97 -5.50 -15.72 1.26
CA ASP B 97 -4.34 -16.02 2.08
C ASP B 97 -3.05 -15.80 1.27
N ARG B 98 -2.08 -15.14 1.90
CA ARG B 98 -0.78 -14.85 1.32
C ARG B 98 -0.91 -13.99 0.07
N ASP B 99 -1.64 -12.89 0.20
CA ASP B 99 -1.96 -11.99 -0.90
C ASP B 99 -0.80 -11.02 -1.12
N ILE B 100 0.24 -11.50 -1.82
CA ILE B 100 1.46 -10.70 -1.97
C ILE B 100 2.10 -11.04 -3.31
N ALA B 101 2.70 -10.03 -3.92
CA ALA B 101 3.39 -10.19 -5.18
C ALA B 101 4.48 -9.13 -5.29
N LEU B 102 5.53 -9.47 -6.03
CA LEU B 102 6.61 -8.55 -6.35
C LEU B 102 6.72 -8.34 -7.85
N MET B 103 7.12 -7.12 -8.24
CA MET B 103 7.36 -6.75 -9.63
C MET B 103 8.76 -6.14 -9.71
N LYS B 104 9.61 -6.71 -10.57
CA LYS B 104 10.93 -6.14 -10.84
C LYS B 104 10.84 -5.20 -12.04
N LEU B 105 11.47 -4.04 -11.91
CA LEU B 105 11.45 -3.04 -12.96
C LEU B 105 12.52 -3.33 -14.01
N LYS B 106 12.25 -2.95 -15.25
CA LYS B 106 13.22 -3.17 -16.33
C LYS B 106 14.48 -2.36 -16.10
N LYS B 107 14.37 -1.17 -15.53
CA LYS B 107 15.52 -0.33 -15.19
C LYS B 107 15.31 0.27 -13.81
N PRO B 108 16.38 0.50 -13.06
CA PRO B 108 16.23 1.11 -11.74
C PRO B 108 15.70 2.54 -11.85
N VAL B 109 14.94 2.94 -10.85
CA VAL B 109 14.35 4.28 -10.84
C VAL B 109 15.24 5.22 -10.05
N ALA B 110 15.34 6.46 -10.52
CA ALA B 110 16.07 7.47 -9.78
C ALA B 110 15.21 8.03 -8.64
N PHE B 111 15.80 8.08 -7.45
CA PHE B 111 15.11 8.67 -6.31
C PHE B 111 15.11 10.20 -6.41
N SER B 112 14.17 10.82 -5.71
CA SER B 112 13.98 12.27 -5.78
C SER B 112 13.21 12.72 -4.53
N ASP B 113 12.81 14.00 -4.50
CA ASP B 113 11.99 14.44 -3.37
C ASP B 113 10.68 13.67 -3.29
N TYR B 114 10.24 13.09 -4.39
CA TYR B 114 8.91 12.50 -4.52
C TYR B 114 8.94 10.99 -4.65
N ILE B 115 10.12 10.40 -4.76
CA ILE B 115 10.33 8.99 -5.06
C ILE B 115 11.37 8.48 -4.06
N HIS B 116 10.96 7.58 -3.16
CA HIS B 116 11.88 7.10 -2.13
C HIS B 116 11.32 5.81 -1.55
N PRO B 117 12.17 4.82 -1.24
CA PRO B 117 11.65 3.54 -0.77
C PRO B 117 11.27 3.51 0.72
N VAL B 118 10.31 2.64 1.03
CA VAL B 118 9.85 2.34 2.38
C VAL B 118 10.68 1.19 2.92
N CYS B 119 10.84 1.09 4.24
CA CYS B 119 11.46 -0.07 4.84
C CYS B 119 10.50 -1.24 5.00
N LEU B 120 11.09 -2.46 4.94
CA LEU B 120 10.33 -3.62 5.36
C LEU B 120 10.70 -3.98 6.79
N PRO B 121 9.73 -4.44 7.57
CA PRO B 121 9.96 -4.67 8.99
C PRO B 121 10.87 -5.86 9.26
N ASP B 122 11.73 -5.68 10.25
CA ASP B 122 12.40 -6.77 10.94
C ASP B 122 11.48 -7.40 11.98
N ARG B 123 11.87 -8.57 12.49
CA ARG B 123 11.04 -9.26 13.46
C ARG B 123 10.72 -8.40 14.68
N GLU B 124 11.71 -7.63 15.17
CA GLU B 124 11.50 -6.89 16.42
C GLU B 124 10.58 -5.68 16.22
N THR B 125 10.74 -4.98 15.09
CA THR B 125 9.85 -3.87 14.79
C THR B 125 8.41 -4.38 14.64
N ALA B 126 8.24 -5.53 13.98
CA ALA B 126 6.90 -6.09 13.82
C ALA B 126 6.30 -6.47 15.15
N ALA B 127 7.09 -7.11 16.02
CA ALA B 127 6.56 -7.53 17.31
C ALA B 127 6.20 -6.33 18.15
N SER B 128 6.99 -5.26 18.05
CA SER B 128 6.75 -4.08 18.87
C SER B 128 5.52 -3.32 18.45
N LEU B 129 5.31 -3.19 17.12
CA LEU B 129 4.31 -2.27 16.58
C LEU B 129 3.01 -2.94 16.17
N LEU B 130 3.00 -4.23 15.86
CA LEU B 130 1.75 -4.86 15.42
C LEU B 130 0.93 -5.27 16.62
N GLN B 131 0.31 -4.27 17.26
CA GLN B 131 -0.44 -4.45 18.49
C GLN B 131 -1.77 -3.76 18.38
N ALA B 132 -2.83 -4.38 18.92
CA ALA B 132 -4.14 -3.76 18.90
C ALA B 132 -4.10 -2.35 19.49
N GLY B 133 -4.78 -1.43 18.80
CA GLY B 133 -4.84 -0.03 19.17
C GLY B 133 -3.78 0.83 18.52
N TYR B 134 -2.64 0.25 18.17
CA TYR B 134 -1.60 1.02 17.51
C TYR B 134 -2.04 1.35 16.09
N LYS B 135 -1.81 2.58 15.65
CA LYS B 135 -2.29 3.05 14.36
C LYS B 135 -1.22 2.98 13.27
N GLY B 136 -1.67 2.61 12.08
CA GLY B 136 -0.91 2.76 10.86
C GLY B 136 -1.63 3.66 9.88
N ARG B 137 -1.09 3.73 8.67
CA ARG B 137 -1.54 4.69 7.65
C ARG B 137 -1.68 3.98 6.31
N VAL B 138 -2.82 4.19 5.64
CA VAL B 138 -3.06 3.65 4.31
C VAL B 138 -3.16 4.82 3.36
N THR B 139 -2.62 4.65 2.14
CA THR B 139 -2.69 5.65 1.10
C THR B 139 -3.18 5.01 -0.20
N GLY B 140 -3.91 5.78 -1.01
CA GLY B 140 -4.30 5.26 -2.32
C GLY B 140 -5.21 6.21 -3.07
N TRP B 141 -5.48 5.82 -4.32
CA TRP B 141 -6.36 6.56 -5.22
C TRP B 141 -7.68 5.84 -5.48
N GLY B 142 -8.06 4.90 -4.63
CA GLY B 142 -9.28 4.14 -4.85
C GLY B 142 -10.51 4.93 -4.47
N ASN B 143 -11.65 4.27 -4.60
CA ASN B 143 -12.92 4.95 -4.43
C ASN B 143 -13.08 5.60 -3.05
N LEU B 144 -13.82 6.71 -3.05
CA LEU B 144 -14.10 7.48 -1.84
C LEU B 144 -15.29 6.98 -1.05
N LYS B 145 -16.09 6.09 -1.65
CA LYS B 145 -17.32 5.58 -1.08
C LYS B 145 -17.58 4.22 -1.68
N GLU B 146 -18.26 3.37 -0.92
CA GLU B 146 -18.54 2.04 -1.41
C GLU B 146 -19.48 2.09 -2.62
N THR B 147 -20.50 2.92 -2.55
CA THR B 147 -21.46 3.06 -3.63
C THR B 147 -21.72 4.53 -3.88
N GLY B 155 -17.05 10.21 -5.80
CA GLY B 155 -16.68 8.90 -6.29
C GLY B 155 -15.18 8.58 -6.27
N GLN B 156 -14.41 9.24 -7.12
CA GLN B 156 -12.97 9.04 -7.18
C GLN B 156 -12.24 10.33 -6.85
N PRO B 157 -11.07 10.25 -6.23
CA PRO B 157 -10.41 11.48 -5.78
C PRO B 157 -9.54 12.13 -6.84
N SER B 158 -9.33 13.45 -6.66
CA SER B 158 -8.43 14.18 -7.55
C SER B 158 -6.97 13.89 -7.22
N VAL B 159 -6.62 13.75 -5.94
CA VAL B 159 -5.25 13.48 -5.52
C VAL B 159 -5.22 12.29 -4.56
N LEU B 160 -4.01 11.79 -4.34
CA LEU B 160 -3.77 10.71 -3.39
C LEU B 160 -4.43 10.99 -2.04
N GLN B 161 -5.07 9.97 -1.47
CA GLN B 161 -5.76 10.05 -0.19
C GLN B 161 -4.99 9.29 0.89
N VAL B 162 -5.14 9.74 2.14
CA VAL B 162 -4.43 9.19 3.30
C VAL B 162 -5.44 9.00 4.44
N VAL B 163 -5.34 7.88 5.15
CA VAL B 163 -6.14 7.68 6.36
C VAL B 163 -5.32 6.92 7.40
N ASN B 164 -5.44 7.34 8.66
CA ASN B 164 -4.80 6.65 9.79
C ASN B 164 -5.82 5.75 10.46
N LEU B 165 -5.46 4.49 10.72
CA LEU B 165 -6.38 3.48 11.26
C LEU B 165 -5.74 2.61 12.34
N PRO B 166 -6.46 2.30 13.42
CA PRO B 166 -5.93 1.40 14.45
C PRO B 166 -6.01 -0.08 14.08
N ILE B 167 -4.96 -0.83 14.41
CA ILE B 167 -4.99 -2.29 14.36
C ILE B 167 -6.00 -2.81 15.37
N VAL B 168 -6.71 -3.88 15.00
CA VAL B 168 -7.83 -4.40 15.76
C VAL B 168 -7.44 -5.75 16.36
N GLU B 169 -7.91 -6.01 17.58
CA GLU B 169 -7.72 -7.30 18.23
C GLU B 169 -8.17 -8.45 17.32
N ARG B 170 -7.37 -9.53 17.27
CA ARG B 170 -7.68 -10.61 16.35
C ARG B 170 -9.03 -11.26 16.61
N PRO B 171 -9.51 -11.43 17.86
CA PRO B 171 -10.87 -11.98 18.05
C PRO B 171 -11.95 -11.10 17.46
N VAL B 172 -11.79 -9.78 17.51
CA VAL B 172 -12.77 -8.87 16.91
C VAL B 172 -12.73 -9.00 15.39
N CYS B 173 -11.52 -9.07 14.79
CA CYS B 173 -11.43 -9.31 13.35
C CYS B 173 -12.18 -10.59 12.97
N LYS B 174 -11.91 -11.66 13.70
CA LYS B 174 -12.53 -12.95 13.39
C LYS B 174 -14.05 -12.90 13.52
N ASP B 175 -14.54 -12.24 14.57
CA ASP B 175 -15.98 -12.18 14.85
C ASP B 175 -16.74 -11.22 13.94
N SER B 176 -16.06 -10.47 13.07
CA SER B 176 -16.70 -9.52 12.18
C SER B 176 -17.08 -10.11 10.82
N THR B 177 -16.71 -11.37 10.53
CA THR B 177 -16.80 -11.90 9.18
C THR B 177 -16.99 -13.41 9.25
N ARG B 178 -17.57 -13.97 8.20
CA ARG B 178 -17.61 -15.42 8.05
C ARG B 178 -16.41 -15.93 7.29
N ILE B 179 -15.60 -15.06 6.73
CA ILE B 179 -14.43 -15.49 5.95
C ILE B 179 -13.38 -15.98 6.91
N ARG B 180 -12.67 -17.05 6.56
CA ARG B 180 -11.61 -17.62 7.41
C ARG B 180 -10.36 -16.73 7.40
N ILE B 181 -9.98 -16.24 8.57
N ILE B 181 -9.94 -16.24 8.57
CA ILE B 181 -8.80 -15.43 8.75
CA ILE B 181 -8.78 -15.38 8.65
C ILE B 181 -7.59 -16.33 8.98
C ILE B 181 -7.60 -16.19 9.15
N THR B 182 -6.40 -15.83 8.67
CA THR B 182 -5.16 -16.56 8.94
C THR B 182 -4.13 -15.66 9.59
N ASP B 183 -3.06 -16.29 10.07
CA ASP B 183 -1.95 -15.53 10.62
C ASP B 183 -1.24 -14.64 9.61
N ASN B 184 -1.46 -14.83 8.30
CA ASN B 184 -0.86 -13.99 7.27
C ASN B 184 -1.70 -12.72 6.99
N MET B 185 -2.65 -12.41 7.87
CA MET B 185 -3.53 -11.25 7.75
C MET B 185 -3.62 -10.54 9.10
N PHE B 186 -3.89 -9.24 9.06
CA PHE B 186 -4.36 -8.54 10.23
C PHE B 186 -5.46 -7.59 9.77
N CYS B 187 -6.26 -7.10 10.69
CA CYS B 187 -7.30 -6.18 10.28
C CYS B 187 -7.19 -4.86 11.04
N ALA B 188 -7.75 -3.81 10.45
CA ALA B 188 -7.64 -2.45 11.00
C ALA B 188 -8.88 -1.62 10.71
N GLY B 189 -9.13 -0.64 11.56
CA GLY B 189 -10.28 0.22 11.43
C GLY B 189 -10.89 0.54 12.78
N TYR B 190 -11.80 1.52 12.81
CA TYR B 190 -12.45 1.91 14.06
C TYR B 190 -13.69 1.05 14.32
N LYS B 191 -13.98 0.86 15.61
CA LYS B 191 -15.19 0.16 16.01
C LYS B 191 -16.39 1.10 15.94
N PRO B 192 -17.60 0.54 15.80
CA PRO B 192 -18.79 1.40 15.72
C PRO B 192 -18.88 2.41 16.84
N ASP B 193 -18.54 2.02 18.06
CA ASP B 193 -18.65 2.93 19.21
C ASP B 193 -17.54 3.98 19.25
N GLU B 194 -16.43 3.79 18.52
CA GLU B 194 -15.27 4.67 18.62
C GLU B 194 -15.47 6.01 17.91
N GLY B 195 -16.52 6.18 17.11
CA GLY B 195 -16.78 7.47 16.50
C GLY B 195 -16.11 7.70 15.15
N LYS B 196 -14.77 7.82 15.14
CA LYS B 196 -14.03 8.01 13.90
C LYS B 196 -14.32 6.89 12.91
N ARG B 197 -14.08 7.17 11.62
CA ARG B 197 -14.34 6.24 10.53
C ARG B 197 -13.12 6.15 9.62
N GLY B 198 -13.28 5.37 8.55
CA GLY B 198 -12.23 5.26 7.56
C GLY B 198 -11.92 3.82 7.16
N ASP B 199 -11.51 3.65 5.91
CA ASP B 199 -11.25 2.32 5.38
C ASP B 199 -10.58 2.47 4.02
N SER B 200 -9.97 1.37 3.57
CA SER B 200 -9.62 1.19 2.18
C SER B 200 -10.88 0.89 1.36
N CYS B 201 -10.73 0.92 0.04
CA CYS B 201 -11.84 0.56 -0.84
C CYS B 201 -11.28 0.10 -2.18
N GLU B 202 -12.20 -0.26 -3.09
CA GLU B 202 -11.83 -0.61 -4.45
C GLU B 202 -10.84 0.38 -5.05
N GLY B 203 -9.76 -0.14 -5.62
CA GLY B 203 -8.71 0.66 -6.21
C GLY B 203 -7.55 0.95 -5.28
N ASP B 204 -7.73 0.80 -3.97
CA ASP B 204 -6.63 0.91 -3.01
C ASP B 204 -5.83 -0.38 -2.87
N SER B 205 -6.40 -1.50 -3.35
CA SER B 205 -5.75 -2.81 -3.43
C SER B 205 -4.28 -2.68 -3.74
N GLY B 206 -3.46 -3.40 -2.96
CA GLY B 206 -2.04 -3.47 -3.23
C GLY B 206 -1.21 -2.36 -2.66
N GLY B 207 -1.83 -1.27 -2.15
CA GLY B 207 -1.10 -0.18 -1.53
C GLY B 207 -0.65 -0.51 -0.12
N PRO B 208 0.14 0.40 0.46
CA PRO B 208 0.82 0.09 1.71
C PRO B 208 0.07 0.54 2.96
N PHE B 209 0.14 -0.31 4.01
CA PHE B 209 -0.20 0.05 5.38
C PHE B 209 1.14 0.25 6.08
N VAL B 210 1.43 1.49 6.45
CA VAL B 210 2.73 1.83 7.03
C VAL B 210 2.58 2.32 8.47
N MET B 211 3.67 2.19 9.21
CA MET B 211 3.82 2.68 10.58
C MET B 211 5.17 3.36 10.74
N LYS B 212 5.23 4.40 11.56
CA LYS B 212 6.48 5.14 11.78
C LYS B 212 7.07 4.66 13.09
N SER B 213 8.21 3.98 13.02
CA SER B 213 8.82 3.46 14.25
C SER B 213 9.22 4.61 15.18
N PRO B 214 8.80 4.56 16.46
CA PRO B 214 9.24 5.59 17.42
C PRO B 214 10.64 5.36 17.93
N PHE B 215 11.23 4.22 17.58
CA PHE B 215 12.59 3.90 18.00
C PHE B 215 13.64 4.51 17.07
N ASN B 216 13.41 4.50 15.74
CA ASN B 216 14.40 5.05 14.81
C ASN B 216 13.81 6.06 13.80
N ASN B 217 12.56 6.46 13.99
CA ASN B 217 11.88 7.50 13.20
C ASN B 217 11.85 7.17 11.70
N ARG B 218 11.80 5.88 11.34
CA ARG B 218 11.67 5.41 9.97
C ARG B 218 10.30 4.80 9.73
N TRP B 219 9.81 4.95 8.51
CA TRP B 219 8.57 4.35 8.08
C TRP B 219 8.78 2.92 7.59
N TYR B 220 7.95 2.01 8.11
CA TYR B 220 7.95 0.59 7.77
C TYR B 220 6.63 0.17 7.15
N GLN B 221 6.67 -0.69 6.14
CA GLN B 221 5.43 -1.23 5.55
C GLN B 221 5.05 -2.54 6.25
N MET B 222 4.02 -2.47 7.08
CA MET B 222 3.54 -3.63 7.83
C MET B 222 2.49 -4.42 7.08
N GLY B 223 1.73 -3.78 6.18
CA GLY B 223 0.63 -4.46 5.54
C GLY B 223 0.47 -4.05 4.08
N ILE B 224 -0.33 -4.84 3.37
CA ILE B 224 -0.75 -4.54 2.00
C ILE B 224 -2.26 -4.56 2.00
N VAL B 225 -2.88 -3.56 1.37
CA VAL B 225 -4.34 -3.52 1.22
C VAL B 225 -4.80 -4.79 0.51
N SER B 226 -5.62 -5.64 1.19
CA SER B 226 -5.99 -6.95 0.66
C SER B 226 -7.49 -7.14 0.46
N TRP B 227 -8.33 -7.13 1.50
CA TRP B 227 -9.75 -7.41 1.30
C TRP B 227 -10.63 -6.81 2.38
N GLY B 228 -11.90 -6.62 2.01
CA GLY B 228 -12.89 -6.09 2.91
C GLY B 228 -14.25 -6.39 2.33
N GLU B 229 -15.25 -6.46 3.17
CA GLU B 229 -16.63 -6.66 2.75
C GLU B 229 -17.32 -5.30 2.78
N GLY B 230 -17.51 -4.71 1.61
CA GLY B 230 -17.91 -3.32 1.53
C GLY B 230 -16.72 -2.43 1.85
N CYS B 231 -17.03 -1.14 2.08
CA CYS B 231 -16.03 -0.15 2.46
C CYS B 231 -16.62 0.72 3.57
N ASP B 232 -15.89 0.84 4.68
CA ASP B 232 -16.25 1.69 5.81
C ASP B 232 -17.62 1.33 6.37
N ARG B 233 -17.94 0.04 6.39
CA ARG B 233 -19.17 -0.41 7.01
C ARG B 233 -18.98 -0.54 8.52
N ASP B 234 -20.01 -0.17 9.28
CA ASP B 234 -19.98 -0.36 10.73
C ASP B 234 -19.88 -1.84 11.06
N GLY B 235 -18.96 -2.16 11.98
CA GLY B 235 -18.76 -3.52 12.42
C GLY B 235 -17.92 -4.37 11.49
N LYS B 236 -17.48 -3.83 10.35
CA LYS B 236 -16.56 -4.49 9.43
C LYS B 236 -15.20 -3.81 9.52
N TYR B 237 -14.18 -4.52 9.03
CA TYR B 237 -12.80 -4.04 9.09
C TYR B 237 -12.07 -4.40 7.80
N GLY B 238 -11.08 -3.57 7.45
CA GLY B 238 -10.22 -3.90 6.34
C GLY B 238 -9.16 -4.90 6.75
N PHE B 239 -8.81 -5.79 5.81
CA PHE B 239 -7.82 -6.84 6.04
C PHE B 239 -6.61 -6.58 5.17
N TYR B 240 -5.43 -6.77 5.79
CA TYR B 240 -4.15 -6.41 5.21
C TYR B 240 -3.23 -7.62 5.27
N THR B 241 -2.48 -7.83 4.19
CA THR B 241 -1.45 -8.86 4.17
C THR B 241 -0.38 -8.54 5.20
N HIS B 242 0.02 -9.55 5.98
CA HIS B 242 1.01 -9.40 7.06
C HIS B 242 2.40 -9.54 6.44
N VAL B 243 3.05 -8.40 6.15
CA VAL B 243 4.29 -8.39 5.36
C VAL B 243 5.39 -9.18 6.07
N PHE B 244 5.56 -8.96 7.37
CA PHE B 244 6.65 -9.65 8.05
C PHE B 244 6.48 -11.16 8.00
N ARG B 245 5.25 -11.67 8.14
CA ARG B 245 5.04 -13.11 8.08
C ARG B 245 5.48 -13.71 6.76
N LEU B 246 5.48 -12.92 5.67
CA LEU B 246 5.83 -13.41 4.35
C LEU B 246 7.20 -12.90 3.90
N LYS B 247 8.00 -12.34 4.81
CA LYS B 247 9.27 -11.76 4.40
C LYS B 247 10.26 -12.80 3.93
N LYS B 248 10.20 -14.03 4.43
CA LYS B 248 11.14 -15.05 3.95
C LYS B 248 10.98 -15.27 2.44
N TRP B 249 9.74 -15.28 1.95
CA TRP B 249 9.53 -15.40 0.51
C TRP B 249 10.01 -14.16 -0.22
N ILE B 250 9.75 -12.97 0.34
CA ILE B 250 10.22 -11.72 -0.26
C ILE B 250 11.72 -11.79 -0.47
N GLN B 251 12.45 -12.17 0.58
CA GLN B 251 13.92 -12.19 0.50
C GLN B 251 14.41 -13.26 -0.47
N LYS B 252 13.74 -14.40 -0.51
CA LYS B 252 14.10 -15.45 -1.45
C LYS B 252 14.00 -14.95 -2.90
N VAL B 253 12.91 -14.26 -3.24
CA VAL B 253 12.74 -13.77 -4.60
C VAL B 253 13.82 -12.76 -4.94
N ILE B 254 14.07 -11.82 -4.03
CA ILE B 254 15.00 -10.74 -4.34
C ILE B 254 16.43 -11.28 -4.40
N ASP B 255 16.81 -12.14 -3.45
CA ASP B 255 18.14 -12.71 -3.46
C ASP B 255 18.43 -13.49 -4.74
N GLN B 256 17.43 -14.18 -5.28
CA GLN B 256 17.68 -15.06 -6.42
C GLN B 256 17.35 -14.44 -7.77
N PHE B 257 16.64 -13.33 -7.81
CA PHE B 257 16.24 -12.71 -9.08
C PHE B 257 16.87 -11.33 -9.30
N ASP C 2 -10.68 9.00 -18.62
CA ASP C 2 -10.66 9.93 -17.49
C ASP C 2 -9.23 10.33 -17.14
N PHE C 3 -8.25 9.62 -17.68
CA PHE C 3 -6.85 9.86 -17.41
C PHE C 3 -6.20 10.64 -18.55
N GLU C 4 -5.40 11.64 -18.20
CA GLU C 4 -4.57 12.31 -19.19
C GLU C 4 -3.66 11.29 -19.86
N GLU C 5 -3.58 11.37 -21.19
CA GLU C 5 -2.75 10.42 -21.95
C GLU C 5 -1.30 10.50 -21.50
N ILE C 6 -0.67 9.36 -21.33
CA ILE C 6 0.75 9.35 -20.95
C ILE C 6 1.59 9.42 -22.21
N PRO C 7 2.86 9.79 -22.12
CA PRO C 7 3.70 9.88 -23.32
C PRO C 7 3.76 8.56 -24.08
N GLU C 8 3.70 8.67 -25.41
CA GLU C 8 3.78 7.51 -26.28
C GLU C 8 5.01 6.65 -25.97
N GLU C 9 6.09 7.28 -25.54
CA GLU C 9 7.35 6.58 -25.25
C GLU C 9 7.17 5.36 -24.37
N LEU C 11 4.56 3.49 -24.03
CA LEU C 11 3.64 2.47 -24.53
C LEU C 11 4.26 1.68 -25.69
N GLN C 12 5.55 1.90 -25.93
CA GLN C 12 6.27 1.23 -27.00
C GLN C 12 6.60 -0.20 -26.59
#